data_1KHT
#
_entry.id   1KHT
#
_cell.length_a   200.500
_cell.length_b   200.500
_cell.length_c   200.500
_cell.angle_alpha   90.00
_cell.angle_beta   90.00
_cell.angle_gamma   90.00
#
_symmetry.space_group_name_H-M   'I 2 3'
#
loop_
_entity.id
_entity.type
_entity.pdbx_description
1 polymer 'adenylate kinase'
2 non-polymer 'ADENOSINE MONOPHOSPHATE'
3 water water
#
_entity_poly.entity_id   1
_entity_poly.type   'polypeptide(L)'
_entity_poly.pdbx_seq_one_letter_code
;MKNKVVVVTGVPGVGSTTSSQLAMDNLRKEGVNYKMVSFGSVMFEVAKEENLVSDRDQMRKMDPETQKRIQKMAGRKIAE
MAKESPVAVDTHSTVSTPKGYLPGLPSWVLNELNPDLIIVVETTGDEILMRRMSDETRVRDLDTASTIEQHQFMNRCAAM
SYGVLTGATVKIVQNRNGLLDQAVEELTNVLR
;
_entity_poly.pdbx_strand_id   A,B,C
#
loop_
_chem_comp.id
_chem_comp.type
_chem_comp.name
_chem_comp.formula
AMP non-polymer 'ADENOSINE MONOPHOSPHATE' 'C10 H14 N5 O7 P'
#
# COMPACT_ATOMS: atom_id res chain seq x y z
N ASN A 3 -4.07 -26.67 3.86
CA ASN A 3 -5.34 -25.95 4.15
C ASN A 3 -5.20 -24.44 4.00
N LYS A 4 -6.21 -23.84 3.37
CA LYS A 4 -6.22 -22.41 3.12
C LYS A 4 -6.50 -21.58 4.37
N VAL A 5 -5.67 -20.56 4.59
CA VAL A 5 -5.86 -19.65 5.71
C VAL A 5 -6.42 -18.38 5.08
N VAL A 6 -7.62 -18.00 5.48
CA VAL A 6 -8.28 -16.83 4.91
C VAL A 6 -8.59 -15.72 5.92
N VAL A 7 -8.24 -14.49 5.54
CA VAL A 7 -8.51 -13.32 6.37
C VAL A 7 -9.73 -12.60 5.80
N VAL A 8 -10.78 -12.42 6.61
CA VAL A 8 -12.00 -11.72 6.16
C VAL A 8 -12.07 -10.37 6.87
N THR A 9 -12.13 -9.28 6.11
CA THR A 9 -12.18 -7.94 6.70
C THR A 9 -13.35 -7.10 6.21
N GLY A 10 -13.53 -5.94 6.83
CA GLY A 10 -14.61 -5.03 6.47
C GLY A 10 -14.87 -4.05 7.62
N VAL A 11 -15.24 -2.81 7.32
CA VAL A 11 -15.49 -1.83 8.38
C VAL A 11 -16.71 -2.24 9.19
N PRO A 12 -16.83 -1.72 10.42
CA PRO A 12 -18.00 -2.11 11.21
C PRO A 12 -19.27 -1.67 10.49
N GLY A 13 -20.23 -2.58 10.40
CA GLY A 13 -21.48 -2.27 9.74
C GLY A 13 -21.58 -2.74 8.29
N VAL A 14 -20.48 -3.23 7.71
CA VAL A 14 -20.54 -3.66 6.32
C VAL A 14 -21.10 -5.06 6.18
N GLY A 15 -21.17 -5.79 7.30
CA GLY A 15 -21.69 -7.14 7.28
C GLY A 15 -20.74 -8.16 6.70
N SER A 16 -19.44 -7.94 6.86
CA SER A 16 -18.45 -8.87 6.34
C SER A 16 -18.49 -10.21 7.08
N THR A 17 -18.67 -10.14 8.39
CA THR A 17 -18.72 -11.35 9.20
C THR A 17 -19.95 -12.21 8.86
N THR A 18 -21.13 -11.61 8.88
CA THR A 18 -22.35 -12.36 8.56
C THR A 18 -22.36 -12.89 7.14
N SER A 19 -21.92 -12.07 6.19
CA SER A 19 -21.89 -12.50 4.79
C SER A 19 -20.98 -13.71 4.63
N SER A 20 -19.81 -13.64 5.24
CA SER A 20 -18.84 -14.73 5.19
C SER A 20 -19.41 -16.02 5.79
N GLN A 21 -20.10 -15.90 6.92
CA GLN A 21 -20.68 -17.06 7.56
C GLN A 21 -21.70 -17.76 6.67
N LEU A 22 -22.62 -17.00 6.09
CA LEU A 22 -23.61 -17.59 5.20
C LEU A 22 -22.89 -18.37 4.12
N ALA A 23 -21.84 -17.77 3.58
CA ALA A 23 -21.07 -18.42 2.51
C ALA A 23 -20.38 -19.68 2.98
N MET A 24 -19.83 -19.66 4.19
CA MET A 24 -19.13 -20.83 4.71
C MET A 24 -20.11 -21.96 5.06
N ASP A 25 -21.34 -21.61 5.40
CA ASP A 25 -22.33 -22.64 5.69
C ASP A 25 -22.61 -23.34 4.36
N ASN A 26 -22.89 -22.54 3.33
CA ASN A 26 -23.17 -23.07 2.00
C ASN A 26 -22.05 -23.99 1.50
N LEU A 27 -20.82 -23.70 1.90
CA LEU A 27 -19.68 -24.53 1.49
C LEU A 27 -19.62 -25.79 2.34
N ARG A 28 -20.05 -25.66 3.59
CA ARG A 28 -20.06 -26.78 4.52
C ARG A 28 -20.88 -27.91 3.88
N LYS A 29 -22.07 -27.56 3.41
CA LYS A 29 -22.97 -28.50 2.76
C LYS A 29 -22.40 -28.84 1.39
N GLU A 30 -21.09 -28.93 1.30
CA GLU A 30 -20.44 -29.23 0.03
C GLU A 30 -19.11 -29.94 0.28
N GLY A 31 -18.75 -30.09 1.54
CA GLY A 31 -17.51 -30.76 1.88
C GLY A 31 -16.39 -29.87 2.36
N VAL A 32 -16.48 -28.56 2.11
CA VAL A 32 -15.44 -27.65 2.55
C VAL A 32 -15.84 -27.10 3.92
N ASN A 33 -15.03 -27.39 4.94
CA ASN A 33 -15.34 -26.93 6.29
C ASN A 33 -14.32 -25.90 6.80
N TYR A 34 -14.80 -24.69 7.01
CA TYR A 34 -13.96 -23.61 7.51
C TYR A 34 -14.18 -23.43 9.01
N LYS A 35 -13.09 -23.26 9.75
CA LYS A 35 -13.21 -22.99 11.16
C LYS A 35 -13.17 -21.46 11.17
N MET A 36 -14.28 -20.85 11.57
CA MET A 36 -14.34 -19.40 11.61
C MET A 36 -13.95 -18.91 13.00
N VAL A 37 -12.96 -18.03 13.05
CA VAL A 37 -12.51 -17.49 14.33
C VAL A 37 -12.30 -16.00 14.21
N SER A 38 -12.45 -15.31 15.33
CA SER A 38 -12.24 -13.88 15.39
C SER A 38 -10.81 -13.71 15.90
N PHE A 39 -10.02 -12.90 15.23
CA PHE A 39 -8.63 -12.70 15.64
C PHE A 39 -8.57 -12.08 17.02
N GLY A 40 -9.49 -11.16 17.31
CA GLY A 40 -9.51 -10.53 18.61
C GLY A 40 -9.82 -11.54 19.68
N SER A 41 -10.74 -12.47 19.39
CA SER A 41 -11.09 -13.49 20.36
C SER A 41 -9.90 -14.39 20.64
N VAL A 42 -9.19 -14.78 19.59
CA VAL A 42 -8.03 -15.63 19.74
C VAL A 42 -6.97 -14.93 20.59
N MET A 43 -6.84 -13.62 20.41
CA MET A 43 -5.86 -12.87 21.19
C MET A 43 -6.21 -12.92 22.66
N PHE A 44 -7.49 -12.76 22.96
CA PHE A 44 -7.96 -12.79 24.33
C PHE A 44 -7.75 -14.17 24.93
N GLU A 45 -8.10 -15.20 24.19
CA GLU A 45 -7.95 -16.58 24.65
C GLU A 45 -6.51 -16.88 25.04
N VAL A 46 -5.57 -16.61 24.13
CA VAL A 46 -4.17 -16.88 24.41
C VAL A 46 -3.62 -15.99 25.53
N ALA A 47 -4.11 -14.76 25.61
CA ALA A 47 -3.64 -13.85 26.65
C ALA A 47 -4.18 -14.29 28.00
N LYS A 48 -5.35 -14.92 27.99
CA LYS A 48 -5.97 -15.40 29.21
C LYS A 48 -5.29 -16.71 29.63
N GLU A 49 -4.96 -17.51 28.65
CA GLU A 49 -4.31 -18.78 28.90
C GLU A 49 -2.94 -18.59 29.55
N GLU A 50 -2.21 -17.55 29.15
CA GLU A 50 -0.91 -17.33 29.75
C GLU A 50 -0.94 -16.30 30.86
N ASN A 51 -2.11 -16.15 31.48
CA ASN A 51 -2.32 -15.23 32.60
C ASN A 51 -1.81 -13.79 32.45
N LEU A 52 -1.93 -13.25 31.25
CA LEU A 52 -1.53 -11.87 31.00
C LEU A 52 -2.75 -11.02 31.28
N VAL A 53 -3.90 -11.66 31.18
CA VAL A 53 -5.16 -10.96 31.33
C VAL A 53 -6.22 -11.83 32.00
N SER A 54 -7.28 -11.21 32.47
CA SER A 54 -8.36 -11.95 33.13
C SER A 54 -9.72 -11.61 32.52
N ASP A 55 -9.86 -10.36 32.11
CA ASP A 55 -11.11 -9.88 31.48
C ASP A 55 -10.68 -9.25 30.18
N ARG A 56 -11.61 -9.17 29.22
CA ARG A 56 -11.27 -8.55 27.94
C ARG A 56 -11.05 -7.05 28.14
N ASP A 57 -11.48 -6.54 29.29
CA ASP A 57 -11.32 -5.12 29.61
C ASP A 57 -9.85 -4.76 29.69
N GLN A 58 -9.05 -5.68 30.21
CA GLN A 58 -7.61 -5.45 30.37
C GLN A 58 -6.85 -5.61 29.06
N MET A 59 -7.53 -6.03 28.01
CA MET A 59 -6.86 -6.19 26.73
C MET A 59 -6.41 -4.84 26.18
N ARG A 60 -7.09 -3.79 26.62
CA ARG A 60 -6.78 -2.42 26.21
C ARG A 60 -5.59 -1.87 26.99
N LYS A 61 -5.43 -2.34 28.23
CA LYS A 61 -4.35 -1.89 29.10
C LYS A 61 -2.98 -2.49 28.78
N MET A 62 -2.94 -3.44 27.85
CA MET A 62 -1.68 -4.10 27.48
C MET A 62 -0.72 -3.10 26.85
N ASP A 63 0.55 -3.14 27.26
CA ASP A 63 1.54 -2.24 26.69
C ASP A 63 1.94 -2.76 25.31
N PRO A 64 2.65 -1.94 24.51
CA PRO A 64 3.08 -2.33 23.17
C PRO A 64 3.80 -3.67 23.08
N GLU A 65 4.71 -3.92 24.01
CA GLU A 65 5.47 -5.16 24.00
C GLU A 65 4.62 -6.42 24.20
N THR A 66 3.72 -6.38 25.17
CA THR A 66 2.86 -7.52 25.46
C THR A 66 1.81 -7.75 24.38
N GLN A 67 1.32 -6.68 23.78
CA GLN A 67 0.32 -6.83 22.74
C GLN A 67 0.96 -7.48 21.51
N LYS A 68 2.22 -7.17 21.27
CA LYS A 68 2.94 -7.75 20.13
C LYS A 68 3.09 -9.25 20.39
N ARG A 69 3.45 -9.58 21.62
CA ARG A 69 3.63 -10.96 22.02
C ARG A 69 2.32 -11.73 21.86
N ILE A 70 1.25 -11.14 22.37
CA ILE A 70 -0.08 -11.76 22.27
C ILE A 70 -0.49 -11.97 20.80
N GLN A 71 -0.15 -11.00 19.95
CA GLN A 71 -0.48 -11.10 18.52
C GLN A 71 0.24 -12.28 17.87
N LYS A 72 1.51 -12.46 18.22
CA LYS A 72 2.30 -13.58 17.67
C LYS A 72 1.70 -14.89 18.15
N MET A 73 1.32 -14.94 19.42
CA MET A 73 0.72 -16.13 20.00
C MET A 73 -0.57 -16.47 19.27
N ALA A 74 -1.40 -15.46 18.99
CA ALA A 74 -2.65 -15.72 18.28
C ALA A 74 -2.36 -16.26 16.90
N GLY A 75 -1.36 -15.70 16.23
CA GLY A 75 -1.02 -16.15 14.89
C GLY A 75 -0.51 -17.57 14.92
N ARG A 76 0.32 -17.90 15.91
CA ARG A 76 0.85 -19.25 16.02
C ARG A 76 -0.27 -20.23 16.29
N LYS A 77 -1.24 -19.82 17.10
CA LYS A 77 -2.37 -20.68 17.42
C LYS A 77 -3.24 -20.94 16.19
N ILE A 78 -3.50 -19.90 15.42
CA ILE A 78 -4.32 -20.04 14.21
C ILE A 78 -3.58 -20.91 13.18
N ALA A 79 -2.26 -20.77 13.13
CA ALA A 79 -1.45 -21.56 12.20
C ALA A 79 -1.50 -23.01 12.65
N GLU A 80 -1.79 -23.19 13.94
CA GLU A 80 -1.89 -24.52 14.50
C GLU A 80 -3.22 -25.11 14.02
N MET A 81 -4.28 -24.32 14.09
CA MET A 81 -5.61 -24.75 13.64
C MET A 81 -5.59 -25.11 12.16
N ALA A 82 -4.79 -24.38 11.38
CA ALA A 82 -4.68 -24.59 9.93
C ALA A 82 -4.33 -26.03 9.58
N LYS A 83 -3.55 -26.68 10.45
CA LYS A 83 -3.15 -28.06 10.24
C LYS A 83 -4.36 -28.98 10.22
N GLU A 84 -5.44 -28.59 10.90
CA GLU A 84 -6.63 -29.42 10.96
C GLU A 84 -7.73 -29.12 9.94
N SER A 85 -7.77 -27.89 9.42
CA SER A 85 -8.79 -27.54 8.44
C SER A 85 -8.56 -26.14 7.92
N PRO A 86 -9.34 -25.74 6.90
CA PRO A 86 -9.21 -24.39 6.35
C PRO A 86 -9.64 -23.45 7.46
N VAL A 87 -8.96 -22.32 7.62
CA VAL A 87 -9.32 -21.39 8.67
C VAL A 87 -9.70 -20.01 8.12
N ALA A 88 -10.78 -19.46 8.65
CA ALA A 88 -11.25 -18.14 8.25
C ALA A 88 -11.07 -17.24 9.45
N VAL A 89 -10.11 -16.32 9.36
CA VAL A 89 -9.85 -15.39 10.43
C VAL A 89 -10.63 -14.11 10.20
N ASP A 90 -11.60 -13.85 11.06
CA ASP A 90 -12.43 -12.65 10.97
C ASP A 90 -11.65 -11.55 11.67
N THR A 91 -11.36 -10.47 10.96
CA THR A 91 -10.61 -9.36 11.55
C THR A 91 -10.78 -8.06 10.79
N HIS A 92 -10.05 -7.03 11.24
CA HIS A 92 -10.13 -5.73 10.62
C HIS A 92 -8.80 -5.42 9.95
N SER A 93 -8.85 -4.94 8.71
CA SER A 93 -7.65 -4.59 7.97
C SER A 93 -6.93 -3.55 8.81
N THR A 94 -7.67 -2.53 9.23
CA THR A 94 -7.15 -1.51 10.13
C THR A 94 -8.33 -1.19 11.03
N VAL A 95 -8.06 -0.67 12.22
CA VAL A 95 -9.13 -0.29 13.14
C VAL A 95 -9.00 1.21 13.27
N SER A 96 -10.11 1.91 13.07
CA SER A 96 -10.08 3.36 13.18
C SER A 96 -10.07 3.77 14.64
N THR A 97 -8.90 4.18 15.13
CA THR A 97 -8.77 4.59 16.54
C THR A 97 -8.48 6.09 16.61
N PRO A 98 -8.61 6.69 17.81
CA PRO A 98 -8.35 8.13 17.94
C PRO A 98 -6.95 8.56 17.49
N LYS A 99 -6.00 7.64 17.55
CA LYS A 99 -4.62 7.91 17.16
C LYS A 99 -4.36 7.62 15.69
N GLY A 100 -5.40 7.19 14.98
CA GLY A 100 -5.24 6.88 13.57
C GLY A 100 -5.58 5.44 13.26
N TYR A 101 -5.24 5.01 12.06
CA TYR A 101 -5.52 3.66 11.62
C TYR A 101 -4.47 2.69 12.15
N LEU A 102 -4.96 1.69 12.87
CA LEU A 102 -4.12 0.68 13.48
C LEU A 102 -4.19 -0.59 12.67
N PRO A 103 -3.04 -1.09 12.18
CA PRO A 103 -3.04 -2.32 11.39
C PRO A 103 -3.58 -3.48 12.23
N GLY A 104 -4.53 -4.21 11.67
CA GLY A 104 -5.09 -5.35 12.39
C GLY A 104 -4.14 -6.54 12.39
N LEU A 105 -3.37 -6.69 11.31
CA LEU A 105 -2.42 -7.79 11.16
C LEU A 105 -1.01 -7.27 10.81
N PRO A 106 -0.24 -6.81 11.82
CA PRO A 106 1.12 -6.32 11.55
C PRO A 106 1.95 -7.42 10.89
N SER A 107 3.14 -7.08 10.40
CA SER A 107 4.00 -8.06 9.75
C SER A 107 4.32 -9.27 10.63
N TRP A 108 4.50 -9.06 11.94
CA TRP A 108 4.81 -10.19 12.81
C TRP A 108 3.66 -11.19 12.93
N VAL A 109 2.43 -10.74 12.67
CA VAL A 109 1.29 -11.66 12.70
C VAL A 109 1.19 -12.32 11.32
N LEU A 110 1.47 -11.54 10.27
CA LEU A 110 1.41 -12.05 8.90
C LEU A 110 2.37 -13.22 8.70
N ASN A 111 3.54 -13.11 9.32
CA ASN A 111 4.55 -14.16 9.21
C ASN A 111 4.06 -15.46 9.86
N GLU A 112 3.28 -15.35 10.92
CA GLU A 112 2.75 -16.52 11.60
C GLU A 112 1.53 -17.10 10.84
N LEU A 113 0.66 -16.22 10.36
CA LEU A 113 -0.55 -16.65 9.64
C LEU A 113 -0.34 -17.20 8.24
N ASN A 114 0.60 -16.61 7.50
CA ASN A 114 0.83 -17.04 6.11
C ASN A 114 -0.50 -17.23 5.37
N PRO A 115 -1.35 -16.20 5.34
CA PRO A 115 -2.65 -16.30 4.66
C PRO A 115 -2.54 -16.49 3.15
N ASP A 116 -3.56 -17.08 2.56
CA ASP A 116 -3.59 -17.33 1.12
C ASP A 116 -4.58 -16.40 0.43
N LEU A 117 -5.48 -15.83 1.23
CA LEU A 117 -6.50 -14.95 0.70
C LEU A 117 -6.95 -13.92 1.73
N ILE A 118 -7.05 -12.67 1.29
CA ILE A 118 -7.51 -11.58 2.15
C ILE A 118 -8.77 -11.10 1.48
N ILE A 119 -9.90 -11.19 2.17
CA ILE A 119 -11.16 -10.72 1.59
C ILE A 119 -11.48 -9.36 2.19
N VAL A 120 -11.86 -8.42 1.33
CA VAL A 120 -12.23 -7.07 1.73
C VAL A 120 -13.66 -6.83 1.30
N VAL A 121 -14.58 -6.77 2.27
CA VAL A 121 -15.99 -6.56 1.97
C VAL A 121 -16.30 -5.08 2.09
N GLU A 122 -16.96 -4.52 1.07
CA GLU A 122 -17.28 -3.10 1.09
C GLU A 122 -18.69 -2.78 0.60
N THR A 123 -19.01 -1.50 0.73
CA THR A 123 -20.23 -0.90 0.23
C THR A 123 -20.00 0.59 0.41
N THR A 124 -20.93 1.41 -0.04
CA THR A 124 -20.73 2.86 0.07
C THR A 124 -20.80 3.38 1.50
N GLY A 125 -20.17 4.52 1.71
CA GLY A 125 -20.19 5.16 3.02
C GLY A 125 -21.65 5.45 3.42
N ASP A 126 -22.47 5.87 2.46
CA ASP A 126 -23.87 6.15 2.75
C ASP A 126 -24.58 4.94 3.36
N GLU A 127 -24.48 3.78 2.72
CA GLU A 127 -25.14 2.60 3.24
C GLU A 127 -24.56 2.17 4.59
N ILE A 128 -23.25 2.33 4.77
CA ILE A 128 -22.65 1.96 6.03
C ILE A 128 -23.14 2.86 7.16
N LEU A 129 -23.25 4.16 6.90
CA LEU A 129 -23.69 5.10 7.92
C LEU A 129 -25.17 4.87 8.22
N MET A 130 -25.92 4.56 7.17
CA MET A 130 -27.35 4.31 7.28
C MET A 130 -27.53 3.11 8.22
N ARG A 131 -26.83 2.02 7.94
CA ARG A 131 -26.93 0.82 8.77
C ARG A 131 -26.58 1.08 10.22
N ARG A 132 -25.50 1.83 10.46
CA ARG A 132 -25.07 2.15 11.83
C ARG A 132 -26.06 3.03 12.58
N MET A 133 -26.72 3.95 11.89
CA MET A 133 -27.68 4.85 12.53
C MET A 133 -28.93 4.12 13.03
N SER A 134 -29.39 3.13 12.28
CA SER A 134 -30.57 2.37 12.69
C SER A 134 -30.15 1.22 13.60
N ASP A 135 -29.03 1.42 14.30
CA ASP A 135 -28.50 0.44 15.22
C ASP A 135 -28.48 1.07 16.61
N GLU A 136 -28.99 0.34 17.59
CA GLU A 136 -29.07 0.84 18.97
C GLU A 136 -27.75 1.22 19.62
N THR A 137 -26.68 0.53 19.26
CA THR A 137 -25.37 0.80 19.85
C THR A 137 -24.59 2.00 19.29
N ARG A 138 -24.55 2.14 17.97
CA ARG A 138 -23.81 3.25 17.36
C ARG A 138 -24.64 4.41 16.81
N VAL A 139 -24.84 5.43 17.66
CA VAL A 139 -25.59 6.62 17.28
C VAL A 139 -24.85 7.85 17.82
N ARG A 140 -23.62 7.64 18.27
CA ARG A 140 -22.79 8.70 18.82
C ARG A 140 -21.31 8.46 18.51
N ASP A 141 -20.99 8.29 17.22
CA ASP A 141 -19.61 8.05 16.80
C ASP A 141 -19.04 9.17 15.94
N LEU A 142 -19.92 10.06 15.47
CA LEU A 142 -19.51 11.21 14.66
C LEU A 142 -18.85 10.90 13.29
N ASP A 143 -19.03 9.70 12.78
CA ASP A 143 -18.48 9.35 11.48
C ASP A 143 -19.41 9.86 10.37
N THR A 144 -18.86 10.07 9.18
CA THR A 144 -19.63 10.54 8.02
C THR A 144 -19.37 9.53 6.93
N ALA A 145 -20.07 9.66 5.81
CA ALA A 145 -19.84 8.74 4.69
C ALA A 145 -18.39 8.89 4.26
N SER A 146 -17.91 10.13 4.26
CA SER A 146 -16.53 10.43 3.90
C SER A 146 -15.47 9.78 4.77
N THR A 147 -15.62 9.86 6.09
CA THR A 147 -14.62 9.25 6.97
C THR A 147 -14.66 7.74 6.82
N ILE A 148 -15.82 7.18 6.50
CA ILE A 148 -15.93 5.73 6.33
C ILE A 148 -15.27 5.33 5.02
N GLU A 149 -15.37 6.20 4.01
CA GLU A 149 -14.76 5.94 2.70
C GLU A 149 -13.26 5.97 2.90
N GLN A 150 -12.81 6.90 3.75
CA GLN A 150 -11.38 7.04 4.02
C GLN A 150 -10.86 5.79 4.72
N HIS A 151 -11.66 5.24 5.63
CA HIS A 151 -11.26 4.04 6.34
C HIS A 151 -11.19 2.91 5.30
N GLN A 152 -12.18 2.84 4.42
CA GLN A 152 -12.17 1.81 3.40
C GLN A 152 -11.00 1.97 2.45
N PHE A 153 -10.54 3.20 2.26
CA PHE A 153 -9.41 3.46 1.41
C PHE A 153 -8.16 2.90 2.10
N MET A 154 -7.97 3.23 3.38
CA MET A 154 -6.81 2.74 4.11
C MET A 154 -6.87 1.21 4.28
N ASN A 155 -8.07 0.68 4.42
CA ASN A 155 -8.24 -0.76 4.53
C ASN A 155 -7.75 -1.44 3.26
N ARG A 156 -7.98 -0.80 2.10
CA ARG A 156 -7.52 -1.37 0.83
C ARG A 156 -6.00 -1.40 0.74
N CYS A 157 -5.37 -0.33 1.20
CA CYS A 157 -3.91 -0.25 1.16
C CYS A 157 -3.31 -1.28 2.08
N ALA A 158 -3.86 -1.40 3.28
CA ALA A 158 -3.38 -2.36 4.27
C ALA A 158 -3.56 -3.77 3.73
N ALA A 159 -4.70 -3.99 3.08
CA ALA A 159 -5.01 -5.30 2.53
C ALA A 159 -4.05 -5.64 1.41
N MET A 160 -3.80 -4.68 0.52
CA MET A 160 -2.90 -4.95 -0.58
C MET A 160 -1.49 -5.20 -0.05
N SER A 161 -1.11 -4.50 1.02
CA SER A 161 0.21 -4.70 1.63
C SER A 161 0.31 -6.10 2.25
N TYR A 162 -0.80 -6.60 2.77
CA TYR A 162 -0.84 -7.92 3.37
C TYR A 162 -0.52 -8.97 2.32
N GLY A 163 -1.06 -8.78 1.12
CA GLY A 163 -0.84 -9.71 0.02
C GLY A 163 0.57 -9.60 -0.52
N VAL A 164 1.09 -8.38 -0.59
CA VAL A 164 2.44 -8.19 -1.09
C VAL A 164 3.44 -8.89 -0.15
N LEU A 165 3.17 -8.83 1.16
CA LEU A 165 4.08 -9.44 2.14
C LEU A 165 3.88 -10.94 2.32
N THR A 166 2.73 -11.47 1.90
CA THR A 166 2.46 -12.89 2.05
C THR A 166 2.28 -13.60 0.71
N GLY A 167 1.92 -12.84 -0.32
CA GLY A 167 1.71 -13.43 -1.62
C GLY A 167 0.26 -13.84 -1.78
N ALA A 168 -0.56 -13.51 -0.78
CA ALA A 168 -1.98 -13.85 -0.82
C ALA A 168 -2.72 -12.97 -1.81
N THR A 169 -3.84 -13.48 -2.34
CA THR A 169 -4.62 -12.70 -3.28
C THR A 169 -5.58 -11.84 -2.45
N VAL A 170 -5.90 -10.66 -2.96
CA VAL A 170 -6.79 -9.76 -2.26
C VAL A 170 -8.09 -9.62 -3.05
N LYS A 171 -9.20 -10.03 -2.45
CA LYS A 171 -10.48 -9.97 -3.12
C LYS A 171 -11.40 -8.95 -2.48
N ILE A 172 -11.85 -7.99 -3.28
CA ILE A 172 -12.76 -6.96 -2.81
C ILE A 172 -14.15 -7.43 -3.19
N VAL A 173 -15.06 -7.43 -2.24
CA VAL A 173 -16.42 -7.89 -2.50
C VAL A 173 -17.42 -6.83 -2.04
N GLN A 174 -18.33 -6.46 -2.93
CA GLN A 174 -19.35 -5.48 -2.61
C GLN A 174 -20.55 -6.13 -1.95
N ASN A 175 -20.91 -5.66 -0.77
CA ASN A 175 -22.05 -6.17 -0.04
C ASN A 175 -23.06 -5.05 0.12
N ARG A 176 -23.80 -4.80 -0.96
CA ARG A 176 -24.77 -3.71 -0.99
C ARG A 176 -26.18 -4.02 -0.51
N ASN A 177 -26.87 -2.98 -0.03
CA ASN A 177 -28.24 -3.14 0.44
C ASN A 177 -29.06 -3.85 -0.63
N GLY A 178 -29.94 -4.75 -0.20
CA GLY A 178 -30.79 -5.47 -1.14
C GLY A 178 -30.05 -6.41 -2.08
N LEU A 179 -28.72 -6.48 -1.96
CA LEU A 179 -27.96 -7.36 -2.82
C LEU A 179 -27.09 -8.34 -2.05
N LEU A 180 -27.57 -8.77 -0.89
CA LEU A 180 -26.83 -9.71 -0.04
C LEU A 180 -26.53 -11.05 -0.70
N ASP A 181 -27.53 -11.61 -1.39
CA ASP A 181 -27.37 -12.90 -2.07
C ASP A 181 -26.18 -12.89 -3.01
N GLN A 182 -26.02 -11.80 -3.75
CA GLN A 182 -24.92 -11.68 -4.70
C GLN A 182 -23.57 -11.68 -3.98
N ALA A 183 -23.48 -11.01 -2.84
CA ALA A 183 -22.24 -10.99 -2.08
C ALA A 183 -21.96 -12.40 -1.55
N VAL A 184 -23.00 -13.05 -1.05
CA VAL A 184 -22.86 -14.40 -0.52
C VAL A 184 -22.38 -15.37 -1.61
N GLU A 185 -22.90 -15.22 -2.82
CA GLU A 185 -22.47 -16.11 -3.90
C GLU A 185 -21.00 -15.88 -4.24
N GLU A 186 -20.60 -14.61 -4.29
CA GLU A 186 -19.22 -14.26 -4.59
C GLU A 186 -18.29 -14.82 -3.52
N LEU A 187 -18.63 -14.56 -2.27
CA LEU A 187 -17.84 -15.05 -1.14
C LEU A 187 -17.78 -16.58 -1.18
N THR A 188 -18.91 -17.21 -1.49
CA THR A 188 -18.98 -18.66 -1.58
C THR A 188 -18.02 -19.16 -2.65
N ASN A 189 -17.90 -18.42 -3.75
CA ASN A 189 -17.01 -18.82 -4.83
C ASN A 189 -15.54 -18.56 -4.56
N VAL A 190 -15.23 -17.47 -3.87
CA VAL A 190 -13.84 -17.16 -3.58
C VAL A 190 -13.30 -18.07 -2.46
N LEU A 191 -14.17 -18.41 -1.52
CA LEU A 191 -13.77 -19.28 -0.41
C LEU A 191 -13.74 -20.76 -0.82
N ARG A 192 -14.48 -21.14 -1.86
CA ARG A 192 -14.49 -22.53 -2.28
C ARG A 192 -13.09 -23.03 -2.60
N LYS B 2 11.51 2.20 25.33
CA LYS B 2 11.91 2.97 24.12
C LYS B 2 11.24 4.34 24.05
N ASN B 3 11.96 5.30 23.47
CA ASN B 3 11.43 6.65 23.31
C ASN B 3 10.46 6.69 22.15
N LYS B 4 9.42 7.51 22.29
CA LYS B 4 8.41 7.65 21.25
C LYS B 4 9.01 8.26 20.00
N VAL B 5 8.67 7.68 18.86
CA VAL B 5 9.15 8.20 17.59
C VAL B 5 7.95 8.50 16.71
N VAL B 6 7.79 9.78 16.39
CA VAL B 6 6.68 10.22 15.55
C VAL B 6 7.17 10.76 14.22
N VAL B 7 6.47 10.34 13.16
CA VAL B 7 6.79 10.79 11.81
C VAL B 7 5.64 11.64 11.32
N VAL B 8 5.95 12.88 10.92
CA VAL B 8 4.93 13.78 10.41
C VAL B 8 5.20 13.95 8.91
N THR B 9 4.16 13.78 8.09
CA THR B 9 4.32 13.89 6.64
C THR B 9 3.22 14.72 5.99
N GLY B 10 3.54 15.22 4.79
CA GLY B 10 2.61 16.03 4.04
C GLY B 10 3.32 16.54 2.79
N VAL B 11 2.59 16.67 1.70
CA VAL B 11 3.21 17.16 0.48
C VAL B 11 3.55 18.62 0.70
N PRO B 12 4.54 19.13 -0.04
CA PRO B 12 4.96 20.53 0.07
C PRO B 12 3.74 21.45 -0.06
N GLY B 13 3.64 22.43 0.83
CA GLY B 13 2.51 23.35 0.80
C GLY B 13 1.30 22.98 1.63
N VAL B 14 1.21 21.74 2.09
CA VAL B 14 0.04 21.34 2.87
C VAL B 14 0.14 21.92 4.29
N GLY B 15 1.33 22.36 4.68
CA GLY B 15 1.51 22.94 5.99
C GLY B 15 1.59 21.93 7.12
N SER B 16 2.15 20.76 6.84
CA SER B 16 2.27 19.73 7.87
C SER B 16 3.31 20.15 8.90
N THR B 17 4.36 20.81 8.41
CA THR B 17 5.44 21.28 9.27
C THR B 17 4.96 22.30 10.31
N THR B 18 4.49 23.45 9.84
CA THR B 18 4.03 24.50 10.74
C THR B 18 2.88 24.12 11.66
N SER B 19 1.92 23.35 11.16
CA SER B 19 0.80 22.97 12.01
C SER B 19 1.21 21.98 13.08
N SER B 20 2.15 21.10 12.76
CA SER B 20 2.60 20.14 13.77
C SER B 20 3.48 20.87 14.78
N GLN B 21 4.28 21.84 14.30
CA GLN B 21 5.15 22.60 15.19
C GLN B 21 4.27 23.31 16.21
N LEU B 22 3.22 23.97 15.73
CA LEU B 22 2.31 24.68 16.61
C LEU B 22 1.71 23.76 17.64
N ALA B 23 1.39 22.54 17.22
CA ALA B 23 0.80 21.55 18.13
C ALA B 23 1.80 21.16 19.21
N MET B 24 3.06 21.01 18.83
CA MET B 24 4.08 20.63 19.79
C MET B 24 4.50 21.77 20.71
N ASP B 25 4.18 23.01 20.33
CA ASP B 25 4.50 24.15 21.18
C ASP B 25 3.46 24.08 22.30
N ASN B 26 2.25 23.68 21.92
CA ASN B 26 1.14 23.54 22.87
C ASN B 26 1.42 22.46 23.90
N LEU B 27 1.83 21.28 23.43
CA LEU B 27 2.10 20.16 24.32
C LEU B 27 3.28 20.42 25.25
N ARG B 28 4.15 21.36 24.87
CA ARG B 28 5.31 21.69 25.68
C ARG B 28 4.81 22.33 26.98
N LYS B 29 3.81 23.19 26.83
CA LYS B 29 3.23 23.90 27.96
C LYS B 29 2.52 22.98 28.94
N GLU B 30 2.50 21.69 28.66
CA GLU B 30 1.85 20.76 29.56
C GLU B 30 2.70 19.53 29.89
N GLY B 31 4.02 19.67 29.73
CA GLY B 31 4.91 18.57 30.05
C GLY B 31 5.34 17.62 28.94
N VAL B 32 4.66 17.67 27.80
CA VAL B 32 5.01 16.78 26.70
C VAL B 32 6.11 17.42 25.86
N ASN B 33 7.20 16.69 25.67
CA ASN B 33 8.33 17.21 24.90
C ASN B 33 8.69 16.38 23.69
N TYR B 34 8.95 17.05 22.58
CA TYR B 34 9.34 16.37 21.36
C TYR B 34 10.59 16.98 20.79
N LYS B 35 11.50 16.11 20.34
CA LYS B 35 12.73 16.55 19.72
C LYS B 35 12.37 16.66 18.24
N MET B 36 11.96 17.85 17.82
CA MET B 36 11.58 18.09 16.44
C MET B 36 12.79 18.01 15.52
N VAL B 37 12.76 17.06 14.58
CA VAL B 37 13.85 16.87 13.64
C VAL B 37 13.37 16.96 12.19
N SER B 38 14.14 17.61 11.32
CA SER B 38 13.75 17.69 9.92
C SER B 38 14.61 16.74 9.11
N PHE B 39 14.03 15.63 8.69
CA PHE B 39 14.75 14.64 7.89
C PHE B 39 15.41 15.34 6.71
N GLY B 40 14.69 16.30 6.12
CA GLY B 40 15.22 17.04 4.99
C GLY B 40 16.44 17.88 5.32
N SER B 41 16.43 18.53 6.48
CA SER B 41 17.57 19.33 6.87
C SER B 41 18.76 18.44 7.20
N VAL B 42 18.51 17.32 7.83
CA VAL B 42 19.61 16.40 8.17
C VAL B 42 20.32 15.91 6.92
N MET B 43 19.58 15.62 5.86
CA MET B 43 20.25 15.16 4.65
C MET B 43 20.71 16.33 3.78
N PHE B 44 20.15 17.51 4.03
CA PHE B 44 20.54 18.69 3.28
C PHE B 44 21.96 19.10 3.69
N GLU B 45 22.22 19.04 5.00
CA GLU B 45 23.53 19.38 5.54
C GLU B 45 24.60 18.45 4.96
N VAL B 46 24.23 17.19 4.75
CA VAL B 46 25.16 16.21 4.19
C VAL B 46 25.32 16.39 2.67
N ALA B 47 24.24 16.79 2.00
CA ALA B 47 24.28 17.00 0.56
C ALA B 47 25.00 18.29 0.19
N LYS B 48 24.86 19.30 1.04
CA LYS B 48 25.49 20.59 0.81
C LYS B 48 26.98 20.46 1.14
N GLU B 49 27.27 19.64 2.15
CA GLU B 49 28.63 19.39 2.61
C GLU B 49 29.41 18.69 1.48
N GLU B 50 28.68 17.94 0.65
CA GLU B 50 29.28 17.22 -0.46
C GLU B 50 29.22 18.02 -1.76
N ASN B 51 28.82 19.27 -1.66
CA ASN B 51 28.72 20.16 -2.82
C ASN B 51 27.83 19.61 -3.93
N LEU B 52 26.76 18.91 -3.54
CA LEU B 52 25.82 18.35 -4.50
C LEU B 52 24.64 19.30 -4.69
N VAL B 53 24.31 20.07 -3.65
CA VAL B 53 23.19 20.99 -3.72
C VAL B 53 23.43 22.35 -3.03
N SER B 54 22.73 23.38 -3.51
CA SER B 54 22.83 24.73 -2.96
C SER B 54 21.69 24.94 -1.97
N ASP B 55 20.51 24.43 -2.33
CA ASP B 55 19.32 24.56 -1.50
C ASP B 55 18.63 23.21 -1.30
N ARG B 56 17.83 23.10 -0.25
CA ARG B 56 17.13 21.85 0.07
C ARG B 56 16.21 21.34 -1.04
N ASP B 57 15.61 22.25 -1.80
CA ASP B 57 14.69 21.87 -2.86
C ASP B 57 15.30 21.24 -4.12
N GLN B 58 16.61 21.06 -4.15
CA GLN B 58 17.26 20.45 -5.32
C GLN B 58 17.58 18.98 -5.10
N MET B 59 17.50 18.53 -3.85
CA MET B 59 17.82 17.16 -3.52
C MET B 59 16.94 16.12 -4.22
N ARG B 60 15.66 16.43 -4.42
CA ARG B 60 14.77 15.48 -5.08
C ARG B 60 14.97 15.41 -6.59
N LYS B 61 15.88 16.23 -7.10
CA LYS B 61 16.18 16.24 -8.54
C LYS B 61 17.42 15.39 -8.79
N MET B 62 18.14 15.03 -7.72
CA MET B 62 19.33 14.20 -7.85
C MET B 62 18.85 12.83 -8.28
N ASP B 63 19.74 12.00 -8.80
CA ASP B 63 19.31 10.66 -9.21
C ASP B 63 19.01 9.85 -7.94
N PRO B 64 18.06 8.89 -8.03
CA PRO B 64 17.64 8.03 -6.93
C PRO B 64 18.77 7.43 -6.09
N GLU B 65 19.79 6.89 -6.77
CA GLU B 65 20.95 6.30 -6.11
C GLU B 65 21.56 7.24 -5.08
N THR B 66 21.75 8.50 -5.46
CA THR B 66 22.32 9.51 -4.57
C THR B 66 21.33 9.89 -3.46
N GLN B 67 20.07 10.12 -3.83
CA GLN B 67 19.05 10.46 -2.84
C GLN B 67 18.93 9.38 -1.77
N LYS B 68 18.94 8.12 -2.20
CA LYS B 68 18.84 7.01 -1.25
C LYS B 68 20.06 6.90 -0.35
N ARG B 69 21.23 7.24 -0.87
CA ARG B 69 22.44 7.16 -0.07
C ARG B 69 22.38 8.23 1.02
N ILE B 70 22.08 9.47 0.63
CA ILE B 70 21.97 10.57 1.58
C ILE B 70 20.79 10.30 2.53
N GLN B 71 19.85 9.48 2.08
CA GLN B 71 18.69 9.12 2.88
C GLN B 71 19.08 8.11 3.94
N LYS B 72 19.89 7.12 3.52
CA LYS B 72 20.37 6.08 4.41
C LYS B 72 21.13 6.73 5.57
N MET B 73 22.01 7.66 5.21
CA MET B 73 22.81 8.38 6.21
C MET B 73 21.94 9.20 7.16
N ALA B 74 21.02 9.98 6.60
CA ALA B 74 20.13 10.80 7.41
C ALA B 74 19.31 9.91 8.36
N GLY B 75 19.10 8.66 7.96
CA GLY B 75 18.35 7.74 8.79
C GLY B 75 19.09 7.36 10.06
N ARG B 76 20.37 6.99 9.91
CA ARG B 76 21.19 6.62 11.05
C ARG B 76 21.30 7.80 12.02
N LYS B 77 21.47 9.00 11.46
CA LYS B 77 21.58 10.22 12.26
C LYS B 77 20.40 10.37 13.22
N ILE B 78 19.19 10.30 12.67
CA ILE B 78 17.98 10.43 13.47
C ILE B 78 17.76 9.24 14.39
N ALA B 79 18.12 8.04 13.92
CA ALA B 79 17.96 6.84 14.73
C ALA B 79 18.79 6.99 16.01
N GLU B 80 19.99 7.56 15.87
CA GLU B 80 20.87 7.78 17.00
C GLU B 80 20.30 8.91 17.86
N MET B 81 19.59 9.83 17.21
CA MET B 81 18.98 10.97 17.88
C MET B 81 17.77 10.57 18.71
N ALA B 82 17.15 9.45 18.33
CA ALA B 82 15.97 8.93 19.01
C ALA B 82 16.36 8.22 20.31
N LYS B 83 17.64 7.93 20.47
CA LYS B 83 18.13 7.23 21.65
C LYS B 83 18.21 8.13 22.90
N GLU B 84 18.07 9.43 22.70
CA GLU B 84 18.15 10.37 23.82
C GLU B 84 16.82 10.94 24.29
N SER B 85 15.86 11.09 23.37
CA SER B 85 14.55 11.63 23.74
C SER B 85 13.49 11.29 22.70
N PRO B 86 12.21 11.53 23.03
CA PRO B 86 11.14 11.23 22.06
C PRO B 86 11.29 12.18 20.87
N VAL B 87 11.40 11.60 19.68
CA VAL B 87 11.58 12.38 18.46
C VAL B 87 10.36 12.53 17.57
N ALA B 88 10.20 13.72 17.00
CA ALA B 88 9.12 14.03 16.09
C ALA B 88 9.79 14.33 14.75
N VAL B 89 9.90 13.33 13.89
CA VAL B 89 10.55 13.49 12.60
C VAL B 89 9.63 14.08 11.53
N ASP B 90 9.95 15.29 11.10
CA ASP B 90 9.20 15.99 10.06
C ASP B 90 9.78 15.54 8.72
N THR B 91 8.98 14.86 7.91
CA THR B 91 9.49 14.37 6.64
C THR B 91 8.40 14.14 5.58
N HIS B 92 8.61 13.19 4.69
CA HIS B 92 7.66 12.88 3.62
C HIS B 92 7.40 11.40 3.48
N SER B 93 6.13 11.05 3.24
CA SER B 93 5.76 9.65 3.07
C SER B 93 6.48 9.18 1.80
N THR B 94 6.45 10.02 0.76
CA THR B 94 7.17 9.73 -0.48
C THR B 94 7.58 11.08 -1.07
N VAL B 95 8.72 11.10 -1.75
CA VAL B 95 9.21 12.33 -2.36
C VAL B 95 8.96 12.26 -3.85
N SER B 96 8.51 13.36 -4.43
CA SER B 96 8.22 13.39 -5.85
C SER B 96 9.48 13.73 -6.64
N THR B 97 10.07 12.72 -7.25
CA THR B 97 11.29 12.91 -8.02
C THR B 97 11.04 12.68 -9.50
N PRO B 98 11.97 13.12 -10.35
CA PRO B 98 11.80 12.93 -11.80
C PRO B 98 11.60 11.46 -12.15
N LYS B 99 12.12 10.57 -11.31
CA LYS B 99 11.98 9.15 -11.57
C LYS B 99 10.76 8.57 -10.88
N GLY B 100 9.95 9.44 -10.27
CA GLY B 100 8.76 8.98 -9.59
C GLY B 100 8.78 9.19 -8.08
N TYR B 101 7.82 8.58 -7.40
CA TYR B 101 7.72 8.69 -5.95
C TYR B 101 8.78 7.86 -5.23
N LEU B 102 9.65 8.52 -4.48
CA LEU B 102 10.68 7.84 -3.73
C LEU B 102 10.14 7.60 -2.32
N PRO B 103 10.04 6.34 -1.90
CA PRO B 103 9.54 6.14 -0.54
C PRO B 103 10.46 6.83 0.46
N GLY B 104 9.89 7.71 1.29
CA GLY B 104 10.66 8.43 2.28
C GLY B 104 11.25 7.57 3.38
N LEU B 105 10.56 6.49 3.72
CA LEU B 105 11.02 5.60 4.77
C LEU B 105 11.10 4.19 4.23
N PRO B 106 12.09 3.93 3.37
CA PRO B 106 12.24 2.59 2.80
C PRO B 106 12.51 1.57 3.90
N SER B 107 12.31 0.30 3.59
CA SER B 107 12.50 -0.80 4.52
C SER B 107 13.54 -0.60 5.62
N TRP B 108 14.78 -0.35 5.22
CA TRP B 108 15.87 -0.17 6.19
C TRP B 108 15.78 1.08 7.06
N VAL B 109 15.26 2.18 6.53
CA VAL B 109 15.14 3.41 7.32
C VAL B 109 13.98 3.25 8.30
N LEU B 110 12.91 2.59 7.84
CA LEU B 110 11.72 2.36 8.67
C LEU B 110 12.14 1.62 9.94
N ASN B 111 12.99 0.62 9.77
CA ASN B 111 13.45 -0.19 10.89
C ASN B 111 14.37 0.58 11.85
N GLU B 112 15.17 1.50 11.32
CA GLU B 112 16.06 2.30 12.16
C GLU B 112 15.20 3.16 13.08
N LEU B 113 14.30 3.95 12.47
CA LEU B 113 13.43 4.85 13.21
C LEU B 113 12.34 4.14 13.99
N ASN B 114 11.84 3.03 13.45
CA ASN B 114 10.79 2.25 14.09
C ASN B 114 9.77 3.18 14.75
N PRO B 115 8.99 3.92 13.94
CA PRO B 115 7.98 4.86 14.46
C PRO B 115 6.76 4.21 15.10
N ASP B 116 6.14 4.94 16.04
CA ASP B 116 4.95 4.44 16.72
C ASP B 116 3.75 5.11 16.09
N LEU B 117 3.99 6.27 15.50
CA LEU B 117 2.93 7.03 14.89
C LEU B 117 3.38 7.67 13.58
N ILE B 118 2.50 7.60 12.57
CA ILE B 118 2.76 8.21 11.27
C ILE B 118 1.59 9.16 11.00
N ILE B 119 1.88 10.45 10.92
CA ILE B 119 0.84 11.43 10.68
C ILE B 119 0.91 11.94 9.24
N VAL B 120 -0.22 11.89 8.56
CA VAL B 120 -0.32 12.34 7.18
C VAL B 120 -1.25 13.55 7.19
N VAL B 121 -0.70 14.71 6.85
CA VAL B 121 -1.47 15.94 6.80
C VAL B 121 -1.84 16.24 5.35
N GLU B 122 -3.14 16.31 5.07
CA GLU B 122 -3.63 16.57 3.72
C GLU B 122 -4.56 17.76 3.68
N THR B 123 -4.98 18.07 2.46
CA THR B 123 -5.96 19.08 2.16
C THR B 123 -6.19 18.87 0.68
N THR B 124 -7.04 19.69 0.05
CA THR B 124 -7.31 19.47 -1.37
C THR B 124 -6.18 19.99 -2.25
N GLY B 125 -6.09 19.44 -3.44
CA GLY B 125 -5.08 19.87 -4.38
C GLY B 125 -5.27 21.33 -4.76
N ASP B 126 -6.52 21.79 -4.84
CA ASP B 126 -6.77 23.19 -5.19
C ASP B 126 -6.06 24.10 -4.19
N GLU B 127 -6.28 23.84 -2.90
CA GLU B 127 -5.68 24.66 -1.86
C GLU B 127 -4.16 24.57 -1.86
N ILE B 128 -3.64 23.37 -2.10
CA ILE B 128 -2.20 23.17 -2.10
C ILE B 128 -1.53 23.90 -3.27
N LEU B 129 -2.18 23.91 -4.42
CA LEU B 129 -1.63 24.60 -5.59
C LEU B 129 -1.61 26.10 -5.30
N MET B 130 -2.75 26.61 -4.86
CA MET B 130 -2.88 28.02 -4.57
C MET B 130 -1.89 28.48 -3.49
N ARG B 131 -1.60 27.63 -2.52
CA ARG B 131 -0.66 28.00 -1.47
C ARG B 131 0.75 28.05 -2.08
N ARG B 132 1.10 27.05 -2.88
CA ARG B 132 2.41 27.02 -3.51
C ARG B 132 2.59 28.20 -4.47
N MET B 133 1.48 28.68 -5.00
CA MET B 133 1.50 29.78 -5.95
C MET B 133 1.95 31.12 -5.38
N SER B 134 1.70 31.33 -4.08
CA SER B 134 2.08 32.59 -3.44
C SER B 134 3.31 32.45 -2.57
N ASP B 135 3.81 31.24 -2.44
CA ASP B 135 5.00 30.96 -1.64
C ASP B 135 6.25 31.25 -2.47
N GLU B 136 6.99 32.28 -2.08
CA GLU B 136 8.21 32.67 -2.78
C GLU B 136 9.44 32.17 -2.04
N THR B 137 9.24 31.68 -0.82
CA THR B 137 10.31 31.18 0.03
C THR B 137 10.95 29.90 -0.50
N ARG B 138 10.17 29.11 -1.25
CA ARG B 138 10.71 27.86 -1.77
C ARG B 138 10.34 27.57 -3.22
N VAL B 139 11.12 26.67 -3.82
CA VAL B 139 10.92 26.26 -5.21
C VAL B 139 9.95 25.09 -5.29
N ARG B 140 8.70 25.37 -5.64
CA ARG B 140 7.69 24.32 -5.75
C ARG B 140 7.57 23.84 -7.19
N ASP B 141 6.86 22.72 -7.38
CA ASP B 141 6.70 22.12 -8.71
C ASP B 141 5.47 22.60 -9.50
N LEU B 142 4.70 23.51 -8.92
CA LEU B 142 3.47 24.03 -9.52
C LEU B 142 2.80 23.08 -10.53
N ASP B 143 2.37 21.93 -10.00
CA ASP B 143 1.69 20.89 -10.79
C ASP B 143 0.22 21.26 -10.81
N THR B 144 -0.62 20.28 -11.11
CA THR B 144 -2.05 20.51 -11.13
C THR B 144 -2.65 19.90 -9.87
N ALA B 145 -3.85 20.33 -9.51
CA ALA B 145 -4.53 19.80 -8.34
C ALA B 145 -4.56 18.28 -8.41
N SER B 146 -4.73 17.75 -9.62
CA SER B 146 -4.78 16.30 -9.82
C SER B 146 -3.46 15.61 -9.52
N THR B 147 -2.36 16.23 -9.91
CA THR B 147 -1.06 15.64 -9.67
C THR B 147 -0.81 15.65 -8.16
N ILE B 148 -1.21 16.72 -7.51
CA ILE B 148 -1.04 16.83 -6.08
C ILE B 148 -1.90 15.76 -5.38
N GLU B 149 -3.09 15.48 -5.92
CA GLU B 149 -3.96 14.48 -5.32
C GLU B 149 -3.28 13.13 -5.50
N GLN B 150 -2.66 12.93 -6.66
CA GLN B 150 -1.99 11.68 -6.95
C GLN B 150 -0.86 11.45 -5.95
N HIS B 151 -0.10 12.49 -5.67
CA HIS B 151 0.96 12.39 -4.70
C HIS B 151 0.35 11.99 -3.32
N GLN B 152 -0.73 12.66 -2.93
CA GLN B 152 -1.35 12.34 -1.65
C GLN B 152 -1.90 10.91 -1.65
N PHE B 153 -2.26 10.40 -2.82
CA PHE B 153 -2.78 9.06 -2.93
C PHE B 153 -1.64 8.08 -2.60
N MET B 154 -0.49 8.26 -3.26
CA MET B 154 0.66 7.38 -3.02
C MET B 154 1.22 7.54 -1.59
N ASN B 155 1.07 8.73 -1.01
CA ASN B 155 1.55 8.95 0.35
C ASN B 155 0.74 8.08 1.33
N ARG B 156 -0.56 7.97 1.08
CA ARG B 156 -1.41 7.15 1.92
C ARG B 156 -0.97 5.71 1.80
N CYS B 157 -0.76 5.26 0.57
CA CYS B 157 -0.36 3.87 0.33
C CYS B 157 0.94 3.56 1.06
N ALA B 158 1.94 4.41 0.88
CA ALA B 158 3.24 4.20 1.53
C ALA B 158 3.10 4.27 3.05
N ALA B 159 2.38 5.28 3.54
CA ALA B 159 2.20 5.45 4.99
C ALA B 159 1.56 4.21 5.60
N MET B 160 0.51 3.70 4.96
CA MET B 160 -0.16 2.52 5.48
C MET B 160 0.76 1.29 5.44
N SER B 161 1.72 1.30 4.52
CA SER B 161 2.66 0.18 4.42
C SER B 161 3.60 0.24 5.63
N TYR B 162 4.05 1.45 5.98
CA TYR B 162 4.92 1.62 7.13
C TYR B 162 4.20 1.09 8.36
N GLY B 163 2.92 1.42 8.46
CA GLY B 163 2.12 0.97 9.58
C GLY B 163 2.01 -0.54 9.67
N VAL B 164 1.82 -1.20 8.53
CA VAL B 164 1.71 -2.66 8.52
C VAL B 164 3.04 -3.33 8.87
N LEU B 165 4.14 -2.70 8.47
CA LEU B 165 5.46 -3.26 8.75
C LEU B 165 5.91 -3.07 10.19
N THR B 166 5.70 -1.88 10.73
CA THR B 166 6.14 -1.56 12.09
C THR B 166 5.03 -1.69 13.14
N GLY B 167 3.78 -1.68 12.69
CA GLY B 167 2.66 -1.77 13.60
C GLY B 167 2.26 -0.38 14.05
N ALA B 168 2.92 0.64 13.48
CA ALA B 168 2.62 2.03 13.82
C ALA B 168 1.22 2.37 13.34
N THR B 169 0.59 3.35 13.98
CA THR B 169 -0.74 3.76 13.57
C THR B 169 -0.55 4.90 12.58
N VAL B 170 -1.47 5.02 11.63
CA VAL B 170 -1.40 6.07 10.63
C VAL B 170 -2.58 7.03 10.81
N LYS B 171 -2.27 8.28 11.14
CA LYS B 171 -3.27 9.31 11.36
C LYS B 171 -3.38 10.32 10.23
N ILE B 172 -4.57 10.44 9.64
CA ILE B 172 -4.78 11.40 8.55
C ILE B 172 -5.49 12.63 9.10
N VAL B 173 -4.85 13.79 8.96
CA VAL B 173 -5.42 15.02 9.47
C VAL B 173 -5.59 16.05 8.35
N GLN B 174 -6.77 16.65 8.27
CA GLN B 174 -7.01 17.66 7.25
C GLN B 174 -6.62 19.04 7.78
N ASN B 175 -5.78 19.75 7.03
CA ASN B 175 -5.37 21.10 7.40
C ASN B 175 -5.86 22.02 6.29
N ARG B 176 -7.15 22.35 6.33
CA ARG B 176 -7.78 23.20 5.32
C ARG B 176 -7.70 24.70 5.58
N ASN B 177 -7.72 25.49 4.51
CA ASN B 177 -7.69 26.94 4.63
C ASN B 177 -8.77 27.43 5.59
N GLY B 178 -8.40 28.39 6.43
CA GLY B 178 -9.35 28.94 7.39
C GLY B 178 -9.67 27.96 8.49
N LEU B 179 -8.96 26.84 8.56
CA LEU B 179 -9.22 25.87 9.60
C LEU B 179 -7.96 25.33 10.28
N LEU B 180 -6.92 26.16 10.35
CA LEU B 180 -5.67 25.73 10.99
C LEU B 180 -5.90 25.33 12.45
N ASP B 181 -6.72 26.09 13.16
CA ASP B 181 -7.02 25.81 14.56
C ASP B 181 -7.51 24.39 14.75
N GLN B 182 -8.43 23.96 13.89
CA GLN B 182 -8.98 22.61 13.97
C GLN B 182 -7.87 21.60 13.75
N ALA B 183 -6.99 21.90 12.80
CA ALA B 183 -5.87 21.02 12.48
C ALA B 183 -4.91 20.95 13.65
N VAL B 184 -4.61 22.09 14.26
CA VAL B 184 -3.69 22.11 15.39
C VAL B 184 -4.28 21.33 16.58
N GLU B 185 -5.57 21.49 16.84
CA GLU B 185 -6.20 20.76 17.93
C GLU B 185 -6.10 19.25 17.69
N GLU B 186 -6.43 18.83 16.47
CA GLU B 186 -6.40 17.42 16.13
C GLU B 186 -4.98 16.85 16.25
N LEU B 187 -4.00 17.62 15.80
CA LEU B 187 -2.62 17.18 15.86
C LEU B 187 -2.12 17.07 17.30
N THR B 188 -2.53 18.03 18.13
CA THR B 188 -2.15 18.06 19.54
C THR B 188 -2.66 16.83 20.28
N ASN B 189 -3.92 16.47 20.02
CA ASN B 189 -4.51 15.30 20.67
C ASN B 189 -3.85 13.98 20.28
N VAL B 190 -3.52 13.80 19.00
CA VAL B 190 -2.89 12.56 18.58
C VAL B 190 -1.43 12.49 19.05
N LEU B 191 -0.78 13.64 19.14
CA LEU B 191 0.61 13.67 19.58
C LEU B 191 0.78 13.66 21.10
N ARG B 192 -0.27 14.01 21.83
CA ARG B 192 -0.20 14.02 23.29
C ARG B 192 0.23 12.67 23.84
N LYS C 2 24.23 -4.74 -10.27
CA LYS C 2 24.96 -3.55 -10.82
C LYS C 2 24.19 -2.93 -11.99
N ASN C 3 23.42 -3.76 -12.70
CA ASN C 3 22.63 -3.31 -13.86
C ASN C 3 21.27 -2.76 -13.42
N LYS C 4 20.89 -1.62 -13.98
CA LYS C 4 19.61 -0.99 -13.66
C LYS C 4 18.43 -1.88 -14.03
N VAL C 5 17.66 -2.29 -13.02
CA VAL C 5 16.50 -3.15 -13.25
C VAL C 5 15.25 -2.29 -13.18
N VAL C 6 14.37 -2.48 -14.15
CA VAL C 6 13.14 -1.72 -14.22
C VAL C 6 11.95 -2.65 -14.42
N VAL C 7 10.87 -2.34 -13.72
CA VAL C 7 9.65 -3.10 -13.79
C VAL C 7 8.59 -2.21 -14.43
N VAL C 8 8.05 -2.64 -15.56
CA VAL C 8 7.03 -1.90 -16.28
C VAL C 8 5.70 -2.62 -16.08
N THR C 9 4.71 -1.91 -15.55
CA THR C 9 3.41 -2.51 -15.28
C THR C 9 2.25 -1.69 -15.83
N GLY C 10 1.09 -2.34 -15.94
CA GLY C 10 -0.11 -1.70 -16.42
C GLY C 10 -1.16 -2.78 -16.60
N VAL C 11 -2.43 -2.39 -16.55
CA VAL C 11 -3.48 -3.38 -16.73
C VAL C 11 -3.59 -3.74 -18.19
N PRO C 12 -4.16 -4.92 -18.49
CA PRO C 12 -4.28 -5.27 -19.92
C PRO C 12 -5.02 -4.19 -20.68
N GLY C 13 -4.49 -3.81 -21.83
CA GLY C 13 -5.14 -2.79 -22.64
C GLY C 13 -4.64 -1.37 -22.45
N VAL C 14 -3.93 -1.12 -21.35
CA VAL C 14 -3.45 0.23 -21.11
C VAL C 14 -2.25 0.53 -21.99
N GLY C 15 -1.75 -0.50 -22.65
CA GLY C 15 -0.62 -0.36 -23.55
C GLY C 15 0.71 -0.06 -22.88
N SER C 16 0.94 -0.63 -21.70
CA SER C 16 2.21 -0.37 -21.03
C SER C 16 3.37 -0.93 -21.85
N THR C 17 3.21 -2.14 -22.37
CA THR C 17 4.24 -2.76 -23.20
C THR C 17 4.52 -1.94 -24.48
N THR C 18 3.48 -1.59 -25.21
CA THR C 18 3.60 -0.81 -26.44
C THR C 18 4.41 0.46 -26.27
N SER C 19 3.93 1.32 -25.37
CA SER C 19 4.55 2.62 -25.09
C SER C 19 5.98 2.60 -24.57
N SER C 20 6.25 1.76 -23.57
CA SER C 20 7.59 1.70 -23.01
C SER C 20 8.58 1.11 -24.02
N GLN C 21 8.11 0.25 -24.91
CA GLN C 21 8.98 -0.33 -25.91
C GLN C 21 9.43 0.79 -26.86
N LEU C 22 8.49 1.64 -27.27
CA LEU C 22 8.82 2.74 -28.15
C LEU C 22 9.83 3.66 -27.49
N ALA C 23 9.69 3.80 -26.17
CA ALA C 23 10.61 4.64 -25.40
C ALA C 23 12.00 4.03 -25.43
N MET C 24 12.05 2.72 -25.25
CA MET C 24 13.32 2.01 -25.26
C MET C 24 13.96 2.02 -26.66
N ASP C 25 13.15 2.09 -27.70
CA ASP C 25 13.70 2.16 -29.05
C ASP C 25 14.38 3.53 -29.14
N ASN C 26 13.69 4.57 -28.64
CA ASN C 26 14.22 5.93 -28.65
C ASN C 26 15.56 6.04 -27.91
N LEU C 27 15.69 5.33 -26.80
CA LEU C 27 16.91 5.38 -26.00
C LEU C 27 18.07 4.60 -26.62
N ARG C 28 17.75 3.66 -27.50
CA ARG C 28 18.78 2.87 -28.15
C ARG C 28 19.62 3.77 -29.04
N LYS C 29 18.96 4.69 -29.75
CA LYS C 29 19.66 5.60 -30.64
C LYS C 29 20.55 6.59 -29.90
N GLU C 30 20.65 6.47 -28.58
CA GLU C 30 21.49 7.39 -27.82
C GLU C 30 22.35 6.66 -26.79
N GLY C 31 22.62 5.38 -27.04
CA GLY C 31 23.45 4.62 -26.12
C GLY C 31 22.71 3.63 -25.26
N VAL C 32 21.84 4.12 -24.39
CA VAL C 32 21.07 3.25 -23.51
C VAL C 32 20.41 2.12 -24.29
N ASN C 33 20.72 0.88 -23.91
CA ASN C 33 20.15 -0.27 -24.59
C ASN C 33 19.55 -1.28 -23.61
N TYR C 34 18.26 -1.14 -23.35
CA TYR C 34 17.54 -2.03 -22.43
C TYR C 34 17.25 -3.38 -23.07
N LYS C 35 17.25 -4.42 -22.25
CA LYS C 35 16.89 -5.76 -22.72
C LYS C 35 15.45 -5.95 -22.26
N MET C 36 14.53 -5.89 -23.21
CA MET C 36 13.11 -6.03 -22.89
C MET C 36 12.77 -7.49 -22.66
N VAL C 37 12.46 -7.83 -21.42
CA VAL C 37 12.10 -9.20 -21.08
C VAL C 37 10.68 -9.23 -20.55
N SER C 38 9.95 -10.27 -20.91
CA SER C 38 8.56 -10.42 -20.48
C SER C 38 8.43 -11.49 -19.42
N PHE C 39 8.06 -11.07 -18.22
CA PHE C 39 7.88 -12.01 -17.12
C PHE C 39 6.76 -12.95 -17.57
N GLY C 40 5.84 -12.41 -18.36
CA GLY C 40 4.73 -13.18 -18.87
C GLY C 40 5.13 -14.24 -19.87
N SER C 41 6.39 -14.19 -20.29
CA SER C 41 6.90 -15.19 -21.23
C SER C 41 7.75 -16.18 -20.43
N VAL C 42 8.64 -15.67 -19.60
CA VAL C 42 9.47 -16.54 -18.76
C VAL C 42 8.50 -17.36 -17.90
N MET C 43 7.29 -16.82 -17.75
CA MET C 43 6.24 -17.48 -16.97
C MET C 43 5.09 -17.83 -17.92
N PHE C 44 5.37 -18.77 -18.82
CA PHE C 44 4.41 -19.26 -19.80
C PHE C 44 5.03 -20.48 -20.48
N GLU C 45 6.36 -20.47 -20.52
CA GLU C 45 7.14 -21.55 -21.10
C GLU C 45 6.93 -22.79 -20.22
N VAL C 46 6.53 -22.54 -18.97
CA VAL C 46 6.29 -23.59 -17.99
C VAL C 46 4.87 -24.15 -18.08
N ALA C 47 3.88 -23.26 -17.99
CA ALA C 47 2.48 -23.66 -18.04
C ALA C 47 2.15 -24.40 -19.35
N LYS C 48 2.68 -23.88 -20.46
CA LYS C 48 2.46 -24.48 -21.76
C LYS C 48 3.10 -25.86 -21.84
N GLU C 49 4.21 -26.01 -21.12
CA GLU C 49 4.94 -27.28 -21.07
C GLU C 49 4.14 -28.34 -20.33
N GLU C 50 3.79 -28.06 -19.08
CA GLU C 50 3.04 -28.97 -18.24
C GLU C 50 1.57 -29.06 -18.66
N ASN C 51 1.25 -28.51 -19.83
CA ASN C 51 -0.12 -28.53 -20.35
C ASN C 51 -1.14 -27.94 -19.37
N LEU C 52 -0.66 -27.11 -18.45
CA LEU C 52 -1.53 -26.47 -17.47
C LEU C 52 -2.28 -25.37 -18.21
N VAL C 53 -1.53 -24.56 -18.95
CA VAL C 53 -2.09 -23.45 -19.72
C VAL C 53 -1.64 -23.50 -21.18
N SER C 54 -2.60 -23.66 -22.08
CA SER C 54 -2.30 -23.71 -23.50
C SER C 54 -2.30 -22.28 -24.05
N ASP C 55 -3.31 -21.51 -23.67
CA ASP C 55 -3.44 -20.12 -24.11
C ASP C 55 -3.01 -19.17 -22.99
N ARG C 56 -2.07 -18.29 -23.31
CA ARG C 56 -1.51 -17.31 -22.37
C ARG C 56 -2.55 -16.58 -21.51
N ASP C 57 -3.76 -16.39 -22.04
CA ASP C 57 -4.82 -15.68 -21.32
C ASP C 57 -5.71 -16.55 -20.43
N GLN C 58 -5.08 -17.38 -19.60
CA GLN C 58 -5.81 -18.24 -18.67
C GLN C 58 -4.87 -18.79 -17.62
N MET C 59 -3.69 -18.20 -17.52
CA MET C 59 -2.68 -18.61 -16.54
C MET C 59 -3.13 -18.09 -15.16
N ARG C 60 -3.79 -16.94 -15.17
CA ARG C 60 -4.28 -16.31 -13.96
C ARG C 60 -5.54 -17.02 -13.46
N LYS C 61 -5.78 -18.24 -13.94
CA LYS C 61 -6.96 -18.99 -13.55
C LYS C 61 -6.69 -20.48 -13.37
N MET C 62 -5.50 -20.95 -13.75
CA MET C 62 -5.17 -22.37 -13.64
C MET C 62 -5.25 -22.94 -12.22
N ASP C 63 -4.82 -22.14 -11.25
CA ASP C 63 -4.84 -22.53 -9.84
C ASP C 63 -3.98 -21.54 -9.03
N PRO C 64 -4.56 -20.91 -7.99
CA PRO C 64 -3.81 -19.95 -7.18
C PRO C 64 -2.54 -20.54 -6.56
N GLU C 65 -2.54 -21.85 -6.33
CA GLU C 65 -1.39 -22.54 -5.76
C GLU C 65 -0.45 -23.09 -6.84
N THR C 66 -0.78 -22.81 -8.10
CA THR C 66 0.02 -23.26 -9.23
C THR C 66 0.67 -22.07 -9.93
N GLN C 67 -0.07 -20.98 -10.11
CA GLN C 67 0.45 -19.79 -10.77
C GLN C 67 1.41 -19.01 -9.88
N LYS C 68 1.30 -19.20 -8.56
CA LYS C 68 2.19 -18.54 -7.61
C LYS C 68 3.48 -19.34 -7.57
N ARG C 69 3.41 -20.59 -8.01
CA ARG C 69 4.56 -21.49 -8.03
C ARG C 69 5.33 -21.36 -9.34
N ILE C 70 4.61 -21.06 -10.42
CA ILE C 70 5.24 -20.89 -11.73
C ILE C 70 5.76 -19.44 -11.81
N GLN C 71 5.43 -18.66 -10.80
CA GLN C 71 5.85 -17.26 -10.69
C GLN C 71 7.23 -17.17 -10.03
N LYS C 72 7.38 -17.84 -8.89
CA LYS C 72 8.63 -17.84 -8.13
C LYS C 72 9.82 -18.24 -8.98
N MET C 73 9.67 -19.34 -9.73
CA MET C 73 10.74 -19.82 -10.59
C MET C 73 10.92 -18.91 -11.79
N ALA C 74 9.83 -18.33 -12.26
CA ALA C 74 9.88 -17.43 -13.41
C ALA C 74 10.77 -16.24 -13.07
N GLY C 75 10.70 -15.78 -11.82
CA GLY C 75 11.50 -14.66 -11.39
C GLY C 75 12.96 -15.03 -11.14
N ARG C 76 13.18 -16.26 -10.68
CA ARG C 76 14.53 -16.72 -10.41
C ARG C 76 15.35 -16.67 -11.70
N LYS C 77 14.69 -16.97 -12.82
CA LYS C 77 15.35 -16.97 -14.13
C LYS C 77 15.69 -15.56 -14.60
N ILE C 78 14.77 -14.62 -14.34
CA ILE C 78 14.97 -13.23 -14.73
C ILE C 78 15.95 -12.59 -13.75
N ALA C 79 16.07 -13.19 -12.58
CA ALA C 79 16.98 -12.71 -11.55
C ALA C 79 18.40 -12.81 -12.11
N GLU C 80 18.57 -13.69 -13.09
CA GLU C 80 19.86 -13.90 -13.73
C GLU C 80 20.26 -12.73 -14.63
N MET C 81 19.35 -12.36 -15.54
CA MET C 81 19.60 -11.25 -16.44
C MET C 81 19.86 -9.98 -15.65
N ALA C 82 19.44 -10.01 -14.38
CA ALA C 82 19.63 -8.87 -13.48
C ALA C 82 21.12 -8.74 -13.18
N LYS C 83 21.91 -9.56 -13.86
CA LYS C 83 23.35 -9.58 -13.73
C LYS C 83 23.90 -9.63 -15.16
N GLU C 84 23.41 -8.72 -16.00
CA GLU C 84 23.82 -8.67 -17.41
C GLU C 84 24.02 -7.25 -17.92
N SER C 85 22.91 -6.52 -18.09
CA SER C 85 22.93 -5.14 -18.58
C SER C 85 21.56 -4.52 -18.24
N PRO C 86 21.29 -3.28 -18.71
CA PRO C 86 19.99 -2.67 -18.39
C PRO C 86 18.79 -3.54 -18.77
N VAL C 87 18.02 -3.97 -17.76
CA VAL C 87 16.87 -4.82 -17.97
C VAL C 87 15.53 -4.19 -17.63
N ALA C 88 14.56 -4.35 -18.51
CA ALA C 88 13.22 -3.82 -18.32
C ALA C 88 12.30 -5.02 -18.23
N VAL C 89 11.69 -5.22 -17.07
CA VAL C 89 10.79 -6.35 -16.89
C VAL C 89 9.32 -6.00 -17.09
N ASP C 90 8.75 -6.54 -18.16
CA ASP C 90 7.36 -6.31 -18.49
C ASP C 90 6.50 -7.30 -17.70
N THR C 91 5.82 -6.81 -16.67
CA THR C 91 5.00 -7.67 -15.83
C THR C 91 3.77 -6.94 -15.28
N HIS C 92 3.21 -7.43 -14.18
CA HIS C 92 2.01 -6.81 -13.60
C HIS C 92 2.14 -6.54 -12.13
N SER C 93 1.60 -5.41 -11.69
CA SER C 93 1.64 -5.04 -10.27
C SER C 93 0.81 -6.08 -9.49
N THR C 94 -0.38 -6.37 -10.00
CA THR C 94 -1.23 -7.42 -9.44
C THR C 94 -2.00 -7.98 -10.64
N VAL C 95 -2.28 -9.27 -10.63
CA VAL C 95 -3.02 -9.89 -11.72
C VAL C 95 -4.43 -10.11 -11.23
N SER C 96 -5.41 -9.68 -12.03
CA SER C 96 -6.80 -9.84 -11.64
C SER C 96 -7.29 -11.27 -11.90
N THR C 97 -7.22 -12.12 -10.88
CA THR C 97 -7.65 -13.51 -10.99
C THR C 97 -9.05 -13.69 -10.38
N PRO C 98 -9.74 -14.79 -10.70
CA PRO C 98 -11.07 -14.93 -10.11
C PRO C 98 -11.04 -14.96 -8.57
N LYS C 99 -9.88 -15.29 -8.01
CA LYS C 99 -9.71 -15.34 -6.56
C LYS C 99 -9.31 -13.97 -5.98
N GLY C 100 -9.13 -12.99 -6.86
CA GLY C 100 -8.75 -11.66 -6.41
C GLY C 100 -7.46 -11.19 -7.05
N TYR C 101 -6.93 -10.07 -6.58
CA TYR C 101 -5.69 -9.52 -7.12
C TYR C 101 -4.49 -10.26 -6.54
N LEU C 102 -3.72 -10.86 -7.44
CA LEU C 102 -2.52 -11.60 -7.09
C LEU C 102 -1.29 -10.70 -7.26
N PRO C 103 -0.57 -10.45 -6.16
CA PRO C 103 0.61 -9.59 -6.31
C PRO C 103 1.59 -10.19 -7.31
N GLY C 104 2.09 -9.35 -8.21
CA GLY C 104 3.03 -9.81 -9.22
C GLY C 104 4.46 -9.87 -8.78
N LEU C 105 4.80 -9.16 -7.70
CA LEU C 105 6.16 -9.17 -7.17
C LEU C 105 6.16 -9.43 -5.67
N PRO C 106 5.71 -10.62 -5.25
CA PRO C 106 5.69 -10.94 -3.82
C PRO C 106 7.10 -10.87 -3.23
N SER C 107 7.19 -10.67 -1.93
CA SER C 107 8.48 -10.58 -1.24
C SER C 107 9.63 -11.36 -1.86
N TRP C 108 9.42 -12.65 -2.10
CA TRP C 108 10.49 -13.44 -2.68
C TRP C 108 10.94 -12.96 -4.06
N VAL C 109 10.04 -13.00 -5.05
CA VAL C 109 10.38 -12.56 -6.41
C VAL C 109 10.98 -11.16 -6.41
N LEU C 110 10.44 -10.29 -5.56
CA LEU C 110 10.88 -8.91 -5.46
C LEU C 110 12.36 -8.78 -5.07
N ASN C 111 12.78 -9.56 -4.08
CA ASN C 111 14.17 -9.51 -3.64
C ASN C 111 15.13 -9.99 -4.73
N GLU C 112 14.65 -10.89 -5.59
CA GLU C 112 15.47 -11.38 -6.69
C GLU C 112 15.76 -10.21 -7.62
N LEU C 113 14.72 -9.73 -8.29
CA LEU C 113 14.82 -8.60 -9.23
C LEU C 113 15.44 -7.37 -8.58
N ASN C 114 14.97 -7.04 -7.38
CA ASN C 114 15.43 -5.87 -6.65
C ASN C 114 15.53 -4.68 -7.61
N PRO C 115 14.38 -4.27 -8.16
CA PRO C 115 14.29 -3.15 -9.10
C PRO C 115 14.64 -1.79 -8.51
N ASP C 116 15.02 -0.87 -9.40
CA ASP C 116 15.38 0.50 -9.05
C ASP C 116 14.20 1.40 -9.33
N LEU C 117 13.45 1.03 -10.35
CA LEU C 117 12.30 1.79 -10.80
C LEU C 117 11.11 0.90 -11.13
N ILE C 118 9.93 1.32 -10.70
CA ILE C 118 8.70 0.60 -11.00
C ILE C 118 7.82 1.61 -11.72
N ILE C 119 7.42 1.26 -12.94
CA ILE C 119 6.57 2.13 -13.75
C ILE C 119 5.16 1.59 -13.79
N VAL C 120 4.19 2.48 -13.60
CA VAL C 120 2.79 2.09 -13.63
C VAL C 120 2.15 2.92 -14.72
N VAL C 121 1.70 2.25 -15.78
CA VAL C 121 1.08 2.95 -16.88
C VAL C 121 -0.42 2.88 -16.73
N GLU C 122 -1.07 4.04 -16.76
CA GLU C 122 -2.52 4.10 -16.59
C GLU C 122 -3.23 5.02 -17.58
N THR C 123 -4.55 4.95 -17.51
CA THR C 123 -5.45 5.82 -18.25
C THR C 123 -6.84 5.53 -17.67
N THR C 124 -7.86 6.28 -18.08
CA THR C 124 -9.18 6.07 -17.51
C THR C 124 -9.77 4.72 -17.86
N GLY C 125 -10.72 4.26 -17.04
CA GLY C 125 -11.38 3.00 -17.30
C GLY C 125 -12.11 3.04 -18.63
N ASP C 126 -12.72 4.17 -18.96
CA ASP C 126 -13.42 4.25 -20.23
C ASP C 126 -12.48 3.95 -21.40
N GLU C 127 -11.33 4.60 -21.43
CA GLU C 127 -10.39 4.35 -22.52
C GLU C 127 -9.89 2.90 -22.56
N ILE C 128 -9.52 2.35 -21.42
CA ILE C 128 -9.05 0.97 -21.38
C ILE C 128 -10.15 0.00 -21.85
N LEU C 129 -11.37 0.19 -21.36
CA LEU C 129 -12.49 -0.67 -21.73
C LEU C 129 -12.74 -0.58 -23.22
N MET C 130 -12.63 0.64 -23.73
CA MET C 130 -12.84 0.91 -25.14
C MET C 130 -11.77 0.24 -26.01
N ARG C 131 -10.53 0.23 -25.55
CA ARG C 131 -9.46 -0.41 -26.30
C ARG C 131 -9.67 -1.92 -26.31
N ARG C 132 -10.00 -2.48 -25.14
CA ARG C 132 -10.22 -3.91 -25.05
C ARG C 132 -11.30 -4.42 -25.99
N MET C 133 -12.39 -3.66 -26.12
CA MET C 133 -13.49 -4.07 -26.97
C MET C 133 -13.16 -4.23 -28.45
N SER C 134 -12.03 -3.68 -28.88
CA SER C 134 -11.65 -3.80 -30.28
C SER C 134 -10.44 -4.71 -30.43
N ASP C 135 -10.22 -5.55 -29.44
CA ASP C 135 -9.09 -6.47 -29.47
C ASP C 135 -9.61 -7.91 -29.46
N GLU C 136 -9.15 -8.71 -30.40
CA GLU C 136 -9.59 -10.10 -30.48
C GLU C 136 -8.44 -11.09 -30.32
N THR C 137 -7.21 -10.60 -30.52
CA THR C 137 -6.03 -11.44 -30.40
C THR C 137 -5.78 -11.75 -28.92
N ARG C 138 -6.66 -11.22 -28.08
CA ARG C 138 -6.61 -11.42 -26.63
C ARG C 138 -8.04 -11.31 -26.10
N VAL C 139 -8.32 -12.02 -25.01
CA VAL C 139 -9.65 -11.98 -24.40
C VAL C 139 -9.57 -11.76 -22.88
N ARG C 140 -10.27 -10.72 -22.42
CA ARG C 140 -10.31 -10.37 -21.01
C ARG C 140 -11.42 -9.34 -20.77
N ASP C 141 -12.42 -9.33 -21.65
CA ASP C 141 -13.52 -8.40 -21.54
C ASP C 141 -14.75 -9.00 -20.85
N LEU C 142 -15.15 -8.36 -19.76
CA LEU C 142 -16.30 -8.74 -18.94
C LEU C 142 -16.25 -7.75 -17.78
N ASP C 143 -15.25 -6.87 -17.84
CA ASP C 143 -15.03 -5.86 -16.83
C ASP C 143 -15.76 -4.58 -17.19
N THR C 144 -15.71 -3.62 -16.29
CA THR C 144 -16.37 -2.34 -16.49
C THR C 144 -15.34 -1.24 -16.24
N ALA C 145 -15.65 0.00 -16.62
CA ALA C 145 -14.72 1.09 -16.39
C ALA C 145 -14.34 1.15 -14.92
N SER C 146 -15.29 0.83 -14.05
CA SER C 146 -15.04 0.84 -12.61
C SER C 146 -14.21 -0.33 -12.11
N THR C 147 -14.45 -1.55 -12.61
CA THR C 147 -13.65 -2.67 -12.13
C THR C 147 -12.20 -2.44 -12.58
N ILE C 148 -12.02 -1.75 -13.71
CA ILE C 148 -10.68 -1.47 -14.20
C ILE C 148 -10.00 -0.43 -13.31
N GLU C 149 -10.78 0.53 -12.82
CA GLU C 149 -10.26 1.57 -11.91
C GLU C 149 -9.83 0.91 -10.61
N GLN C 150 -10.67 -0.01 -10.13
CA GLN C 150 -10.40 -0.74 -8.90
C GLN C 150 -9.08 -1.48 -9.05
N HIS C 151 -8.92 -2.19 -10.17
CA HIS C 151 -7.68 -2.90 -10.39
C HIS C 151 -6.52 -1.90 -10.40
N GLN C 152 -6.70 -0.75 -11.05
CA GLN C 152 -5.62 0.25 -11.08
C GLN C 152 -5.37 0.81 -9.68
N PHE C 153 -6.43 0.89 -8.88
CA PHE C 153 -6.33 1.37 -7.51
C PHE C 153 -5.38 0.45 -6.74
N MET C 154 -5.70 -0.84 -6.75
CA MET C 154 -4.89 -1.82 -6.05
C MET C 154 -3.46 -1.92 -6.64
N ASN C 155 -3.32 -1.69 -7.94
CA ASN C 155 -2.01 -1.72 -8.59
C ASN C 155 -1.14 -0.61 -8.04
N ARG C 156 -1.74 0.55 -7.76
CA ARG C 156 -0.98 1.66 -7.20
C ARG C 156 -0.49 1.27 -5.82
N CYS C 157 -1.38 0.68 -5.02
CA CYS C 157 -1.05 0.26 -3.65
C CYS C 157 0.10 -0.74 -3.65
N ALA C 158 -0.04 -1.79 -4.45
CA ALA C 158 0.97 -2.83 -4.54
C ALA C 158 2.30 -2.25 -4.99
N ALA C 159 2.25 -1.48 -6.07
CA ALA C 159 3.46 -0.86 -6.62
C ALA C 159 4.19 -0.07 -5.54
N MET C 160 3.45 0.73 -4.78
CA MET C 160 4.07 1.55 -3.74
C MET C 160 4.66 0.69 -2.61
N SER C 161 4.01 -0.44 -2.30
CA SER C 161 4.53 -1.34 -1.27
C SER C 161 5.85 -1.93 -1.79
N TYR C 162 5.89 -2.27 -3.08
CA TYR C 162 7.11 -2.80 -3.65
C TYR C 162 8.19 -1.73 -3.50
N GLY C 163 7.79 -0.48 -3.72
CA GLY C 163 8.75 0.61 -3.61
C GLY C 163 9.31 0.73 -2.21
N VAL C 164 8.44 0.70 -1.22
CA VAL C 164 8.84 0.81 0.16
C VAL C 164 9.82 -0.29 0.57
N LEU C 165 9.55 -1.51 0.10
CA LEU C 165 10.37 -2.67 0.43
C LEU C 165 11.73 -2.71 -0.26
N THR C 166 11.82 -2.13 -1.45
CA THR C 166 13.06 -2.15 -2.22
C THR C 166 13.78 -0.81 -2.36
N GLY C 167 13.10 0.28 -2.03
CA GLY C 167 13.73 1.59 -2.17
C GLY C 167 13.50 2.15 -3.56
N ALA C 168 12.93 1.34 -4.44
CA ALA C 168 12.63 1.77 -5.80
C ALA C 168 11.62 2.92 -5.84
N THR C 169 11.78 3.78 -6.83
CA THR C 169 10.86 4.89 -7.01
C THR C 169 9.68 4.33 -7.81
N VAL C 170 8.49 4.87 -7.56
CA VAL C 170 7.31 4.43 -8.28
C VAL C 170 6.84 5.56 -9.18
N LYS C 171 6.92 5.35 -10.48
CA LYS C 171 6.51 6.36 -11.46
C LYS C 171 5.17 6.01 -12.12
N ILE C 172 4.23 6.95 -12.06
CA ILE C 172 2.92 6.76 -12.67
C ILE C 172 2.88 7.60 -13.96
N VAL C 173 2.59 6.93 -15.07
CA VAL C 173 2.55 7.55 -16.38
C VAL C 173 1.19 7.36 -17.04
N GLN C 174 0.59 8.46 -17.47
CA GLN C 174 -0.70 8.37 -18.15
C GLN C 174 -0.43 8.12 -19.64
N ASN C 175 -1.12 7.14 -20.20
CA ASN C 175 -1.01 6.79 -21.62
C ASN C 175 -2.42 6.95 -22.17
N ARG C 176 -2.81 8.19 -22.40
CA ARG C 176 -4.15 8.54 -22.86
C ARG C 176 -4.41 8.53 -24.37
N ASN C 177 -5.62 8.16 -24.74
CA ASN C 177 -6.04 8.11 -26.14
C ASN C 177 -5.59 9.32 -26.95
N GLY C 178 -5.04 9.06 -28.13
CA GLY C 178 -4.60 10.13 -29.01
C GLY C 178 -3.34 10.82 -28.55
N LEU C 179 -2.78 10.36 -27.43
CA LEU C 179 -1.59 10.98 -26.90
C LEU C 179 -0.46 10.00 -26.61
N LEU C 180 -0.29 8.98 -27.43
CA LEU C 180 0.78 8.03 -27.21
C LEU C 180 2.12 8.75 -27.22
N ASP C 181 2.26 9.78 -28.05
CA ASP C 181 3.52 10.49 -28.12
C ASP C 181 3.91 11.10 -26.79
N GLN C 182 2.91 11.54 -26.02
CA GLN C 182 3.15 12.14 -24.71
C GLN C 182 3.66 11.09 -23.73
N ALA C 183 3.05 9.92 -23.74
CA ALA C 183 3.48 8.87 -22.84
C ALA C 183 4.90 8.43 -23.18
N VAL C 184 5.16 8.24 -24.48
CA VAL C 184 6.47 7.79 -24.94
C VAL C 184 7.56 8.78 -24.51
N GLU C 185 7.26 10.07 -24.60
CA GLU C 185 8.23 11.07 -24.19
C GLU C 185 8.55 10.90 -22.72
N GLU C 186 7.51 10.76 -21.90
CA GLU C 186 7.70 10.61 -20.46
C GLU C 186 8.43 9.32 -20.11
N LEU C 187 8.06 8.22 -20.75
CA LEU C 187 8.72 6.94 -20.48
C LEU C 187 10.21 7.01 -20.86
N THR C 188 10.50 7.68 -21.97
CA THR C 188 11.86 7.83 -22.45
C THR C 188 12.70 8.55 -21.42
N ASN C 189 12.15 9.61 -20.84
CA ASN C 189 12.85 10.39 -19.84
C ASN C 189 13.09 9.64 -18.53
N VAL C 190 12.10 8.88 -18.04
CA VAL C 190 12.31 8.18 -16.77
C VAL C 190 13.20 6.97 -16.97
N LEU C 191 13.12 6.34 -18.13
CA LEU C 191 13.93 5.16 -18.42
C LEU C 191 15.42 5.47 -18.67
N ARG C 192 15.72 6.73 -18.96
CA ARG C 192 17.10 7.14 -19.20
C ARG C 192 17.95 7.05 -17.94
P AMP D . 11.24 19.36 3.31
O1P AMP D . 10.41 19.61 2.10
O2P AMP D . 10.67 18.63 4.47
O3P AMP D . 11.74 20.79 3.87
O5' AMP D . 12.61 18.61 2.89
C5' AMP D . 13.33 19.05 1.72
C4' AMP D . 13.77 17.87 0.89
O4' AMP D . 14.30 16.85 1.77
C3' AMP D . 12.65 17.14 0.15
O3' AMP D . 12.23 17.73 -1.09
C2' AMP D . 13.29 15.78 -0.08
O2' AMP D . 14.20 15.73 -1.21
C1' AMP D . 14.09 15.56 1.19
N9 AMP D . 13.53 14.51 2.09
C8 AMP D . 12.88 14.63 3.27
N7 AMP D . 12.57 13.46 3.82
C5 AMP D . 13.08 12.58 2.95
C6 AMP D . 13.05 11.19 3.10
N6 AMP D . 12.46 10.57 4.13
N1 AMP D . 13.65 10.49 2.09
C2 AMP D . 14.22 11.08 1.02
N3 AMP D . 14.26 12.41 0.92
C4 AMP D . 13.70 13.19 1.88
P AMP E . 0.89 -10.22 -20.22
O1P AMP E . -0.51 -9.71 -20.01
O2P AMP E . 2.06 -9.35 -19.83
O3P AMP E . 1.02 -10.64 -21.79
O5' AMP E . 1.06 -11.66 -19.45
C5' AMP E . 0.01 -12.66 -19.52
C4' AMP E . -0.17 -13.38 -18.17
O4' AMP E . 1.13 -13.58 -17.53
C3' AMP E . -0.97 -12.59 -17.13
O3' AMP E . -2.41 -12.75 -17.26
C2' AMP E . -0.52 -13.23 -15.82
O2' AMP E . -1.23 -14.43 -15.51
C1' AMP E . 0.93 -13.60 -16.08
N9 AMP E . 1.92 -12.77 -15.27
C8 AMP E . 2.84 -11.88 -15.70
N7 AMP E . 3.58 -11.38 -14.69
C5 AMP E . 3.10 -12.02 -13.62
C6 AMP E . 3.57 -11.86 -12.31
N6 AMP E . 4.56 -11.02 -11.99
N1 AMP E . 2.93 -12.62 -11.38
C2 AMP E . 1.94 -13.49 -11.66
N3 AMP E . 1.51 -13.64 -12.93
C4 AMP E . 2.08 -12.91 -13.94
#